data_8E5Q
#
_entry.id   8E5Q
#
_cell.length_a   46.769
_cell.length_b   58.486
_cell.length_c   90.528
_cell.angle_alpha   90.000
_cell.angle_beta   90.000
_cell.angle_gamma   90.000
#
_symmetry.space_group_name_H-M   'P 21 21 21'
#
loop_
_entity.id
_entity.type
_entity.pdbx_description
1 polymer 'Sulfotransferase oxamniquine resistance protein'
2 non-polymer [2-(dihydroxyamino)-4-({[(3R)-1-[(1H-indol-3-yl)methyl]-3-{[3-(trifluoromethyl)phenyl]methyl}pyrrolidin-3-yl]methyl}amino)phenyl]methanol
3 non-polymer "ADENOSINE-3'-5'-DIPHOSPHATE"
4 water water
#
_entity_poly.entity_id   1
_entity_poly.type   'polypeptide(L)'
_entity_poly.pdbx_seq_one_letter_code
;GAMIESSTTIQVISAGLPRTGTKSLKNALEIIYHKPCYHMFEIIFNKQSDIIKWQNLIHDSHMITTPPPLTTKTIAIYDK
LKELLDGYIATTDLPTCGFYKDLMNIYPNAKVLLTIRDKYDWLHSLRKVVLPKSNDPWKLKIEEGDKVLGLNSDFYKLTE
DSLKFAFQKDDLNFDDDQVLLECYDEYNRLVQETVPSDRLLVLRLGDGWEPLCKFLNVEIPNGIDYPCVNSHHQMTQLTE
QLIKYKSLDAIIHMFPDLI
;
_entity_poly.pdbx_strand_id   A
#
loop_
_chem_comp.id
_chem_comp.type
_chem_comp.name
_chem_comp.formula
A3P RNA linking ADENOSINE-3'-5'-DIPHOSPHATE 'C10 H15 N5 O10 P2'
UMI non-polymer [2-(dihydroxyamino)-4-({[(3R)-1-[(1H-indol-3-yl)methyl]-3-{[3-(trifluoromethyl)phenyl]methyl}pyrrolidin-3-yl]methyl}amino)phenyl]methanol 'C29 H31 F3 N4 O3'
#
# COMPACT_ATOMS: atom_id res chain seq x y z
N THR A 9 -3.50 6.16 -17.86
CA THR A 9 -2.22 6.52 -17.23
C THR A 9 -2.46 7.08 -15.84
N ILE A 10 -1.39 7.19 -15.05
CA ILE A 10 -1.52 7.51 -13.62
C ILE A 10 -2.06 8.93 -13.43
N GLN A 11 -3.20 9.03 -12.75
CA GLN A 11 -3.80 10.30 -12.38
C GLN A 11 -3.52 10.71 -10.95
N VAL A 12 -3.35 9.76 -10.05
CA VAL A 12 -3.19 10.06 -8.63
C VAL A 12 -2.07 9.16 -8.12
N ILE A 13 -1.13 9.75 -7.39
CA ILE A 13 -0.05 9.03 -6.72
C ILE A 13 -0.39 8.98 -5.24
N SER A 14 -0.36 7.79 -4.67
CA SER A 14 -0.64 7.67 -3.25
C SER A 14 0.63 7.31 -2.49
N ALA A 15 1.04 8.18 -1.59
CA ALA A 15 2.27 7.99 -0.83
C ALA A 15 2.04 7.34 0.54
N GLY A 16 0.80 7.15 0.95
CA GLY A 16 0.54 6.64 2.29
C GLY A 16 1.08 5.25 2.50
N LEU A 17 1.56 5.00 3.71
CA LEU A 17 2.13 3.70 4.08
C LEU A 17 1.03 2.66 4.22
N PRO A 18 1.37 1.37 4.14
CA PRO A 18 0.36 0.33 4.39
C PRO A 18 -0.28 0.53 5.76
N ARG A 19 -1.57 0.16 5.85
CA ARG A 19 -2.36 0.24 7.08
C ARG A 19 -2.73 1.67 7.45
N THR A 20 -2.83 2.56 6.46
CA THR A 20 -3.30 3.92 6.70
C THR A 20 -4.60 4.22 5.96
N GLY A 21 -5.27 3.19 5.45
CA GLY A 21 -6.47 3.38 4.65
C GLY A 21 -6.25 3.29 3.15
N THR A 22 -5.20 2.59 2.71
CA THR A 22 -4.89 2.57 1.28
C THR A 22 -5.87 1.75 0.48
N LYS A 23 -6.44 0.68 1.05
CA LYS A 23 -7.40 -0.11 0.27
C LYS A 23 -8.72 0.64 0.13
N SER A 24 -9.14 1.34 1.18
CA SER A 24 -10.31 2.20 1.05
C SER A 24 -10.08 3.28 0.00
N LEU A 25 -8.88 3.82 -0.05
CA LEU A 25 -8.56 4.82 -1.06
C LEU A 25 -8.58 4.20 -2.45
N LYS A 26 -8.00 3.02 -2.59
CA LYS A 26 -8.02 2.33 -3.87
C LYS A 26 -9.46 2.18 -4.34
N ASN A 27 -10.33 1.72 -3.45
CA ASN A 27 -11.73 1.56 -3.80
C ASN A 27 -12.34 2.91 -4.19
N ALA A 28 -12.01 3.96 -3.44
CA ALA A 28 -12.58 5.28 -3.70
C ALA A 28 -12.14 5.82 -5.06
N LEU A 29 -10.86 5.67 -5.38
CA LEU A 29 -10.36 6.13 -6.68
C LEU A 29 -10.98 5.33 -7.81
N GLU A 30 -11.28 4.05 -7.60
CA GLU A 30 -11.90 3.27 -8.65
C GLU A 30 -13.35 3.72 -8.86
N ILE A 31 -14.02 4.11 -7.79
CA ILE A 31 -15.37 4.69 -7.89
C ILE A 31 -15.33 6.01 -8.67
N ILE A 32 -14.30 6.83 -8.42
CA ILE A 32 -14.23 8.16 -9.02
C ILE A 32 -13.88 8.08 -10.50
N TYR A 33 -12.93 7.22 -10.85
CA TYR A 33 -12.36 7.17 -12.20
C TYR A 33 -12.93 6.06 -13.07
N HIS A 34 -13.56 5.03 -12.48
CA HIS A 34 -14.10 3.90 -13.24
C HIS A 34 -13.00 3.17 -14.01
N LYS A 35 -11.82 3.06 -13.41
CA LYS A 35 -10.66 2.41 -13.99
C LYS A 35 -9.82 1.87 -12.83
N PRO A 36 -8.97 0.87 -13.08
CA PRO A 36 -8.31 0.17 -11.96
C PRO A 36 -7.14 0.90 -11.31
N CYS A 37 -6.96 0.62 -10.01
N CYS A 37 -6.98 0.65 -10.02
CA CYS A 37 -5.91 1.19 -9.17
CA CYS A 37 -5.85 1.15 -9.25
C CYS A 37 -4.98 0.08 -8.68
C CYS A 37 -4.93 0.00 -8.88
N TYR A 38 -3.67 0.34 -8.68
CA TYR A 38 -2.70 -0.60 -8.16
C TYR A 38 -2.71 -0.57 -6.64
N HIS A 39 -2.34 -1.71 -6.04
CA HIS A 39 -2.31 -1.85 -4.59
C HIS A 39 -1.66 -3.22 -4.44
N MET A 40 -1.15 -3.58 -3.28
CA MET A 40 -0.49 -4.89 -3.22
C MET A 40 -1.47 -6.04 -3.43
N PHE A 41 -2.74 -5.86 -3.08
CA PHE A 41 -3.73 -6.89 -3.34
C PHE A 41 -3.66 -7.26 -4.80
N GLU A 42 -3.39 -6.28 -5.65
CA GLU A 42 -3.25 -6.56 -7.07
C GLU A 42 -2.17 -7.61 -7.26
N ILE A 43 -1.08 -7.47 -6.53
CA ILE A 43 0.02 -8.42 -6.67
C ILE A 43 -0.33 -9.80 -6.17
N ILE A 44 -0.99 -9.90 -5.03
CA ILE A 44 -1.26 -11.23 -4.45
C ILE A 44 -2.49 -11.95 -4.99
N PHE A 45 -3.58 -11.23 -5.21
CA PHE A 45 -4.81 -11.89 -5.65
C PHE A 45 -4.97 -11.89 -7.16
N ASN A 46 -3.99 -11.35 -7.88
CA ASN A 46 -4.12 -11.24 -9.33
C ASN A 46 -2.82 -11.46 -10.11
N LYS A 47 -1.67 -11.03 -9.56
CA LYS A 47 -0.44 -11.01 -10.36
C LYS A 47 0.80 -11.24 -9.48
N GLN A 48 1.00 -12.49 -9.05
CA GLN A 48 2.18 -12.82 -8.25
C GLN A 48 3.47 -12.80 -9.07
N SER A 49 3.40 -12.61 -10.39
CA SER A 49 4.59 -12.57 -11.22
C SER A 49 5.38 -11.27 -11.07
N ASP A 50 4.75 -10.20 -10.62
CA ASP A 50 5.38 -8.89 -10.56
C ASP A 50 6.27 -8.73 -9.32
N ILE A 51 6.31 -9.73 -8.45
CA ILE A 51 7.10 -9.67 -7.21
C ILE A 51 8.55 -9.35 -7.53
N ILE A 52 9.19 -10.21 -8.33
CA ILE A 52 10.60 -10.05 -8.65
C ILE A 52 10.86 -8.74 -9.37
N LYS A 53 9.92 -8.34 -10.24
CA LYS A 53 10.07 -7.07 -10.95
C LYS A 53 10.17 -5.90 -9.97
N TRP A 54 9.33 -5.87 -8.94
CA TRP A 54 9.44 -4.81 -7.93
C TRP A 54 10.71 -4.91 -7.13
N GLN A 55 11.05 -6.12 -6.76
N GLN A 55 11.06 -6.13 -6.75
CA GLN A 55 12.24 -6.37 -5.96
CA GLN A 55 12.25 -6.36 -5.95
C GLN A 55 13.46 -5.87 -6.69
C GLN A 55 13.48 -5.89 -6.68
N ASN A 56 13.55 -6.22 -7.96
CA ASN A 56 14.68 -5.79 -8.76
C ASN A 56 14.64 -4.29 -9.02
N LEU A 57 13.45 -3.75 -9.21
CA LEU A 57 13.34 -2.31 -9.39
C LEU A 57 13.77 -1.56 -8.14
N ILE A 58 13.52 -2.14 -6.96
CA ILE A 58 13.88 -1.46 -5.72
C ILE A 58 15.39 -1.37 -5.57
N HIS A 59 16.12 -2.45 -5.89
CA HIS A 59 17.58 -2.41 -5.77
C HIS A 59 18.24 -1.32 -6.62
N ASP A 60 17.53 -0.72 -7.58
CA ASP A 60 18.17 0.23 -8.46
C ASP A 60 18.43 1.59 -7.79
N SER A 61 17.63 1.96 -6.79
CA SER A 61 17.96 3.15 -6.00
C SER A 61 18.52 2.76 -4.64
N THR A 71 20.52 10.44 -16.56
CA THR A 71 21.51 9.37 -16.64
C THR A 71 20.81 8.05 -16.96
N THR A 72 21.38 7.26 -17.87
CA THR A 72 20.68 6.10 -18.43
C THR A 72 20.21 5.11 -17.35
N LYS A 73 20.69 5.23 -16.13
CA LYS A 73 20.13 4.45 -15.03
C LYS A 73 18.71 4.92 -14.69
N THR A 74 18.51 6.24 -14.64
CA THR A 74 17.19 6.78 -14.29
C THR A 74 16.16 6.46 -15.38
N ILE A 75 16.54 6.58 -16.65
CA ILE A 75 15.61 6.24 -17.73
C ILE A 75 15.20 4.77 -17.67
N ALA A 76 16.13 3.89 -17.35
CA ALA A 76 15.79 2.47 -17.25
C ALA A 76 14.80 2.21 -16.11
N ILE A 77 15.01 2.87 -14.96
CA ILE A 77 14.09 2.70 -13.84
C ILE A 77 12.72 3.26 -14.19
N TYR A 78 12.69 4.43 -14.80
CA TYR A 78 11.42 5.11 -15.08
C TYR A 78 10.61 4.34 -16.10
N ASP A 79 11.27 3.75 -17.10
CA ASP A 79 10.55 2.93 -18.08
C ASP A 79 9.97 1.68 -17.45
N LYS A 80 10.68 1.06 -16.51
CA LYS A 80 10.16 -0.12 -15.84
C LYS A 80 8.98 0.20 -14.93
N LEU A 81 9.00 1.38 -14.27
CA LEU A 81 7.84 1.81 -13.50
C LEU A 81 6.62 1.99 -14.39
N LYS A 82 6.79 2.72 -15.50
CA LYS A 82 5.67 2.96 -16.41
C LYS A 82 5.09 1.65 -16.94
N GLU A 83 5.94 0.67 -17.24
CA GLU A 83 5.43 -0.59 -17.75
C GLU A 83 4.68 -1.36 -16.67
N LEU A 84 5.16 -1.32 -15.42
CA LEU A 84 4.46 -1.99 -14.34
C LEU A 84 3.08 -1.38 -14.11
N LEU A 85 2.96 -0.06 -14.28
CA LEU A 85 1.73 0.67 -13.98
C LEU A 85 0.86 0.94 -15.20
N ASP A 86 1.27 0.50 -16.39
CA ASP A 86 0.45 0.71 -17.57
C ASP A 86 -0.93 0.10 -17.38
N GLY A 87 -1.96 0.89 -17.67
CA GLY A 87 -3.34 0.43 -17.55
C GLY A 87 -4.03 0.81 -16.26
N TYR A 88 -3.30 1.36 -15.29
CA TYR A 88 -3.87 1.78 -14.01
C TYR A 88 -3.92 3.30 -13.94
N ILE A 89 -4.92 3.82 -13.23
CA ILE A 89 -5.02 5.26 -13.04
C ILE A 89 -4.43 5.74 -11.71
N ALA A 90 -4.04 4.82 -10.82
CA ALA A 90 -3.46 5.25 -9.56
C ALA A 90 -2.74 4.07 -8.93
N THR A 91 -1.90 4.40 -7.96
CA THR A 91 -1.12 3.43 -7.21
C THR A 91 -1.38 3.68 -5.75
N THR A 92 -1.59 2.62 -4.96
CA THR A 92 -1.59 2.76 -3.51
C THR A 92 -0.70 1.70 -2.90
N ASP A 93 -0.30 1.95 -1.66
CA ASP A 93 0.33 0.94 -0.81
C ASP A 93 1.73 0.54 -1.26
N LEU A 94 2.31 -0.42 -0.54
CA LEU A 94 3.60 -0.96 -0.93
C LEU A 94 3.36 -1.74 -2.20
N PRO A 95 4.34 -1.81 -3.09
CA PRO A 95 5.70 -1.28 -3.03
C PRO A 95 5.89 0.08 -3.71
N THR A 96 4.80 0.71 -4.13
CA THR A 96 4.91 1.98 -4.85
C THR A 96 5.18 3.17 -3.95
N CYS A 97 4.99 3.00 -2.64
CA CYS A 97 5.18 4.11 -1.69
C CYS A 97 6.45 4.90 -1.87
N GLY A 98 7.59 4.24 -1.75
CA GLY A 98 8.86 4.94 -1.81
C GLY A 98 9.19 5.56 -3.14
N PHE A 99 8.36 5.30 -4.13
CA PHE A 99 8.60 5.86 -5.45
C PHE A 99 7.78 7.11 -5.70
N TYR A 100 7.14 7.65 -4.67
CA TYR A 100 6.25 8.78 -4.93
C TYR A 100 6.95 9.96 -5.61
N LYS A 101 8.21 10.23 -5.25
CA LYS A 101 8.94 11.33 -5.89
C LYS A 101 9.22 11.02 -7.35
N ASP A 102 9.62 9.79 -7.65
CA ASP A 102 9.90 9.44 -9.04
C ASP A 102 8.62 9.49 -9.85
N LEU A 103 7.50 9.08 -9.25
CA LEU A 103 6.23 9.13 -9.96
C LEU A 103 5.81 10.57 -10.24
N MET A 104 6.13 11.51 -9.33
N MET A 104 6.14 11.49 -9.35
CA MET A 104 5.86 12.92 -9.63
CA MET A 104 5.86 12.90 -9.63
C MET A 104 6.61 13.37 -10.86
C MET A 104 6.61 13.37 -10.86
N ASN A 105 7.84 12.89 -11.06
CA ASN A 105 8.59 13.27 -12.25
C ASN A 105 8.05 12.59 -13.50
N ILE A 106 7.63 11.34 -13.37
CA ILE A 106 7.14 10.60 -14.53
C ILE A 106 5.80 11.13 -14.98
N TYR A 107 4.94 11.51 -14.03
CA TYR A 107 3.57 11.96 -14.28
C TYR A 107 3.40 13.36 -13.71
N PRO A 108 3.83 14.38 -14.44
CA PRO A 108 3.92 15.72 -13.86
C PRO A 108 2.59 16.31 -13.45
N ASN A 109 1.47 15.86 -14.01
CA ASN A 109 0.16 16.38 -13.65
C ASN A 109 -0.56 15.54 -12.60
N ALA A 110 0.05 14.45 -12.17
CA ALA A 110 -0.63 13.60 -11.20
C ALA A 110 -0.64 14.29 -9.84
N LYS A 111 -1.78 14.24 -9.16
CA LYS A 111 -1.87 14.74 -7.80
C LYS A 111 -1.41 13.67 -6.84
N VAL A 112 -1.03 14.10 -5.64
CA VAL A 112 -0.46 13.18 -4.64
C VAL A 112 -1.34 13.15 -3.41
N LEU A 113 -1.62 11.95 -2.92
CA LEU A 113 -2.35 11.74 -1.66
C LEU A 113 -1.41 11.16 -0.62
N LEU A 114 -1.61 11.55 0.63
CA LEU A 114 -0.92 10.97 1.77
C LEU A 114 -1.98 10.61 2.80
N THR A 115 -2.29 9.32 2.92
CA THR A 115 -3.14 8.84 3.98
C THR A 115 -2.32 8.69 5.27
N ILE A 116 -2.86 9.18 6.38
CA ILE A 116 -2.18 9.12 7.67
C ILE A 116 -3.18 8.79 8.77
N ARG A 117 -2.65 8.43 9.93
CA ARG A 117 -3.46 8.11 11.11
C ARG A 117 -2.54 8.12 12.32
N ASP A 118 -3.15 7.99 13.49
CA ASP A 118 -2.40 7.88 14.74
C ASP A 118 -1.32 6.80 14.66
N LYS A 119 -0.11 7.15 15.13
CA LYS A 119 1.04 6.27 14.93
C LYS A 119 0.91 4.95 15.68
N TYR A 120 0.31 4.96 16.88
CA TYR A 120 0.15 3.72 17.63
C TYR A 120 -0.87 2.82 16.97
N ASP A 121 -2.00 3.39 16.52
CA ASP A 121 -2.95 2.60 15.77
C ASP A 121 -2.32 2.02 14.52
N TRP A 122 -1.52 2.82 13.81
CA TRP A 122 -0.83 2.34 12.62
C TRP A 122 0.08 1.15 12.94
N LEU A 123 0.91 1.30 13.99
CA LEU A 123 1.87 0.25 14.31
C LEU A 123 1.17 -1.05 14.65
N HIS A 124 0.10 -0.98 15.44
CA HIS A 124 -0.62 -2.21 15.78
C HIS A 124 -1.13 -2.87 14.51
N SER A 125 -1.73 -2.06 13.63
CA SER A 125 -2.30 -2.57 12.39
C SER A 125 -1.22 -3.22 11.53
N LEU A 126 -0.07 -2.55 11.41
CA LEU A 126 1.07 -3.12 10.72
C LEU A 126 1.49 -4.45 11.32
N ARG A 127 1.58 -4.52 12.67
CA ARG A 127 2.04 -5.72 13.35
C ARG A 127 1.06 -6.88 13.19
N LYS A 128 -0.23 -6.57 13.06
CA LYS A 128 -1.25 -7.61 12.97
C LYS A 128 -1.44 -8.12 11.56
N VAL A 129 -1.03 -7.38 10.54
CA VAL A 129 -1.39 -7.69 9.17
C VAL A 129 -0.18 -7.84 8.26
N VAL A 130 0.79 -6.95 8.37
CA VAL A 130 1.85 -6.80 7.36
C VAL A 130 3.18 -7.35 7.86
N LEU A 131 3.57 -7.00 9.08
CA LEU A 131 4.94 -7.19 9.55
C LEU A 131 4.93 -7.54 11.04
N PRO A 132 4.48 -8.73 11.39
CA PRO A 132 4.53 -9.12 12.79
C PRO A 132 5.97 -9.28 13.27
N LYS A 133 6.17 -9.04 14.57
CA LYS A 133 7.47 -9.31 15.17
C LYS A 133 7.84 -10.78 15.06
N SER A 134 9.14 -11.04 15.00
N SER A 134 9.14 -11.06 15.05
CA SER A 134 9.62 -12.41 14.82
CA SER A 134 9.62 -12.41 14.80
C SER A 134 9.08 -13.34 15.89
C SER A 134 9.26 -13.36 15.93
N ASN A 135 8.91 -12.85 17.11
CA ASN A 135 8.50 -13.67 18.25
C ASN A 135 7.04 -13.47 18.63
N ASP A 136 6.23 -12.88 17.73
CA ASP A 136 4.79 -12.78 17.94
C ASP A 136 4.15 -14.11 17.56
N PRO A 137 3.40 -14.78 18.46
CA PRO A 137 2.73 -16.01 18.06
C PRO A 137 1.82 -15.84 16.86
N TRP A 138 1.25 -14.64 16.67
CA TRP A 138 0.38 -14.41 15.53
C TRP A 138 1.14 -14.58 14.21
N LYS A 139 2.46 -14.37 14.23
CA LYS A 139 3.26 -14.57 13.02
C LYS A 139 3.08 -15.98 12.47
N LEU A 140 2.97 -16.96 13.35
CA LEU A 140 2.81 -18.34 12.90
C LEU A 140 1.56 -18.49 12.06
N LYS A 141 0.48 -17.87 12.50
CA LYS A 141 -0.77 -17.95 11.75
C LYS A 141 -0.69 -17.21 10.42
N ILE A 142 -0.10 -16.02 10.44
CA ILE A 142 0.06 -15.25 9.21
C ILE A 142 0.82 -16.06 8.19
N GLU A 143 1.90 -16.70 8.63
CA GLU A 143 2.71 -17.49 7.70
C GLU A 143 1.94 -18.68 7.15
N GLU A 144 1.13 -19.33 7.99
CA GLU A 144 0.33 -20.46 7.53
C GLU A 144 -0.69 -20.01 6.50
N GLY A 145 -1.37 -18.88 6.76
CA GLY A 145 -2.29 -18.35 5.78
C GLY A 145 -1.59 -17.93 4.50
N ASP A 146 -0.39 -17.37 4.63
CA ASP A 146 0.37 -16.96 3.45
C ASP A 146 0.62 -18.14 2.53
N LYS A 147 0.92 -19.31 3.09
CA LYS A 147 1.16 -20.47 2.25
C LYS A 147 -0.11 -20.88 1.50
N VAL A 148 -1.27 -20.77 2.16
CA VAL A 148 -2.53 -21.05 1.48
C VAL A 148 -2.72 -20.12 0.30
N LEU A 149 -2.27 -18.86 0.43
CA LEU A 149 -2.37 -17.93 -0.69
C LEU A 149 -1.27 -18.13 -1.73
N GLY A 150 -0.28 -18.98 -1.47
CA GLY A 150 0.78 -19.20 -2.43
C GLY A 150 1.93 -18.22 -2.34
N LEU A 151 2.10 -17.56 -1.20
CA LEU A 151 3.15 -16.57 -1.01
C LEU A 151 4.40 -17.20 -0.43
N ASN A 152 5.55 -16.88 -1.00
CA ASN A 152 6.82 -17.45 -0.60
C ASN A 152 7.70 -16.39 0.05
N SER A 153 8.97 -16.75 0.30
CA SER A 153 9.88 -15.83 0.95
C SER A 153 10.20 -14.62 0.08
N ASP A 154 10.08 -14.74 -1.24
CA ASP A 154 10.31 -13.59 -2.11
C ASP A 154 9.31 -12.48 -1.80
N PHE A 155 8.07 -12.85 -1.50
CA PHE A 155 7.07 -11.86 -1.08
C PHE A 155 7.42 -11.20 0.24
N TYR A 156 7.94 -11.98 1.18
CA TYR A 156 8.32 -11.39 2.46
C TYR A 156 9.46 -10.40 2.28
N LYS A 157 10.44 -10.77 1.45
CA LYS A 157 11.55 -9.87 1.21
C LYS A 157 11.08 -8.63 0.46
N LEU A 158 10.12 -8.77 -0.46
CA LEU A 158 9.55 -7.61 -1.12
C LEU A 158 8.92 -6.66 -0.13
N THR A 159 8.16 -7.20 0.84
CA THR A 159 7.52 -6.35 1.84
C THR A 159 8.57 -5.60 2.64
N GLU A 160 9.57 -6.31 3.12
CA GLU A 160 10.61 -5.69 3.94
C GLU A 160 11.40 -4.69 3.13
N ASP A 161 11.81 -5.06 1.91
CA ASP A 161 12.61 -4.14 1.11
C ASP A 161 11.83 -2.91 0.68
N SER A 162 10.52 -3.07 0.42
CA SER A 162 9.71 -1.92 0.06
C SER A 162 9.57 -0.94 1.21
N LEU A 163 9.46 -1.45 2.44
CA LEU A 163 9.40 -0.56 3.59
C LEU A 163 10.73 0.15 3.82
N LYS A 164 11.84 -0.60 3.76
CA LYS A 164 13.16 0.01 3.86
C LYS A 164 13.33 1.10 2.81
N PHE A 165 12.88 0.82 1.58
CA PHE A 165 13.00 1.79 0.51
C PHE A 165 12.16 3.05 0.80
N ALA A 166 10.92 2.86 1.27
CA ALA A 166 10.10 4.02 1.62
C ALA A 166 10.74 4.84 2.73
N PHE A 167 11.32 4.17 3.72
CA PHE A 167 11.94 4.85 4.86
C PHE A 167 13.36 5.33 4.56
N GLN A 168 13.89 5.00 3.38
CA GLN A 168 15.25 5.39 2.97
C GLN A 168 16.26 4.91 4.01
N LYS A 169 16.11 3.67 4.43
CA LYS A 169 17.01 3.03 5.38
C LYS A 169 17.65 1.84 4.70
N ASP A 170 18.98 1.73 4.79
CA ASP A 170 19.63 0.50 4.37
C ASP A 170 19.45 -0.58 5.42
N ASP A 171 19.64 -0.24 6.69
CA ASP A 171 19.59 -1.18 7.80
C ASP A 171 18.41 -0.82 8.69
N LEU A 172 17.51 -1.78 8.87
CA LEU A 172 16.30 -1.58 9.66
C LEU A 172 16.08 -2.83 10.49
N ASN A 173 16.00 -2.68 11.81
CA ASN A 173 15.60 -3.78 12.67
C ASN A 173 14.08 -3.79 12.73
N PHE A 174 13.48 -4.69 11.94
CA PHE A 174 12.03 -4.75 11.84
C PHE A 174 11.34 -5.11 13.15
N ASP A 175 12.04 -5.74 14.10
CA ASP A 175 11.47 -6.05 15.41
C ASP A 175 11.46 -4.88 16.38
N ASP A 176 11.95 -3.70 15.98
CA ASP A 176 12.12 -2.59 16.90
C ASP A 176 10.99 -1.58 16.67
N ASP A 177 9.99 -1.60 17.55
CA ASP A 177 8.85 -0.71 17.42
C ASP A 177 9.24 0.76 17.52
N GLN A 178 10.20 1.08 18.38
CA GLN A 178 10.60 2.48 18.51
C GLN A 178 11.14 3.01 17.19
N VAL A 179 11.94 2.19 16.48
CA VAL A 179 12.47 2.62 15.20
C VAL A 179 11.36 2.73 14.16
N LEU A 180 10.40 1.79 14.17
CA LEU A 180 9.31 1.88 13.20
C LEU A 180 8.46 3.14 13.43
N LEU A 181 8.19 3.47 14.70
CA LEU A 181 7.42 4.69 14.99
C LEU A 181 8.16 5.95 14.54
N GLU A 182 9.47 6.02 14.80
CA GLU A 182 10.28 7.13 14.32
C GLU A 182 10.27 7.20 12.79
N CYS A 183 10.39 6.04 12.12
CA CYS A 183 10.39 6.03 10.66
C CYS A 183 9.04 6.47 10.11
N TYR A 184 7.96 6.06 10.76
CA TYR A 184 6.63 6.46 10.33
C TYR A 184 6.49 7.98 10.39
N ASP A 185 6.85 8.58 11.52
CA ASP A 185 6.68 10.02 11.66
C ASP A 185 7.58 10.74 10.69
N GLU A 186 8.82 10.26 10.53
CA GLU A 186 9.76 10.88 9.61
C GLU A 186 9.27 10.80 8.17
N TYR A 187 8.74 9.63 7.77
CA TYR A 187 8.24 9.46 6.42
C TYR A 187 7.09 10.42 6.13
N ASN A 188 6.10 10.47 7.01
CA ASN A 188 4.95 11.34 6.78
C ASN A 188 5.36 12.80 6.73
N ARG A 189 6.27 13.21 7.62
CA ARG A 189 6.78 14.58 7.57
C ARG A 189 7.48 14.86 6.24
N LEU A 190 8.31 13.92 5.77
CA LEU A 190 9.09 14.18 4.57
C LEU A 190 8.21 14.23 3.34
N VAL A 191 7.15 13.42 3.27
CA VAL A 191 6.22 13.55 2.14
C VAL A 191 5.61 14.95 2.12
N GLN A 192 5.18 15.44 3.28
CA GLN A 192 4.59 16.76 3.37
C GLN A 192 5.59 17.87 3.07
N GLU A 193 6.88 17.64 3.29
CA GLU A 193 7.87 18.63 2.92
C GLU A 193 8.14 18.58 1.41
N THR A 194 8.14 17.39 0.83
CA THR A 194 8.69 17.15 -0.52
C THR A 194 7.64 17.43 -1.61
N VAL A 195 6.39 17.06 -1.40
CA VAL A 195 5.38 17.25 -2.45
C VAL A 195 4.99 18.72 -2.50
N PRO A 196 5.08 19.39 -3.64
CA PRO A 196 4.59 20.77 -3.74
C PRO A 196 3.18 20.88 -3.16
N SER A 197 2.97 21.92 -2.37
CA SER A 197 1.85 21.90 -1.43
C SER A 197 0.50 21.89 -2.11
N ASP A 198 0.33 22.52 -3.26
CA ASP A 198 -0.97 22.44 -3.92
C ASP A 198 -1.17 21.12 -4.66
N ARG A 199 -0.12 20.31 -4.73
CA ARG A 199 -0.15 19.00 -5.34
C ARG A 199 -0.43 17.89 -4.32
N LEU A 200 -0.57 18.22 -3.05
CA LEU A 200 -0.70 17.22 -2.00
C LEU A 200 -2.00 17.41 -1.23
N LEU A 201 -2.66 16.30 -0.95
CA LEU A 201 -3.75 16.24 0.01
C LEU A 201 -3.40 15.23 1.07
N VAL A 202 -3.42 15.65 2.33
CA VAL A 202 -3.25 14.75 3.47
C VAL A 202 -4.64 14.32 3.92
N LEU A 203 -4.89 13.01 3.86
CA LEU A 203 -6.17 12.42 4.20
C LEU A 203 -6.04 11.66 5.52
N ARG A 204 -6.80 12.07 6.53
CA ARG A 204 -6.86 11.33 7.78
C ARG A 204 -8.04 10.37 7.77
N LEU A 205 -7.90 9.24 8.47
CA LEU A 205 -9.00 8.30 8.55
C LEU A 205 -10.22 9.00 9.12
N GLY A 206 -11.37 8.82 8.46
CA GLY A 206 -12.60 9.50 8.83
C GLY A 206 -12.93 10.73 8.04
N ASP A 207 -12.04 11.18 7.15
CA ASP A 207 -12.25 12.44 6.45
C ASP A 207 -13.40 12.36 5.45
N GLY A 208 -13.67 11.18 4.92
CA GLY A 208 -14.76 11.02 3.97
C GLY A 208 -14.43 11.51 2.55
N TRP A 209 -15.51 11.62 1.76
CA TRP A 209 -15.36 11.98 0.35
C TRP A 209 -14.98 13.45 0.14
N GLU A 210 -15.47 14.36 1.00
CA GLU A 210 -15.44 15.78 0.68
C GLU A 210 -14.04 16.31 0.38
N PRO A 211 -13.04 16.12 1.23
CA PRO A 211 -11.71 16.66 0.87
C PRO A 211 -11.12 16.02 -0.37
N LEU A 212 -11.32 14.71 -0.56
CA LEU A 212 -10.76 14.03 -1.72
C LEU A 212 -11.41 14.52 -3.01
N CYS A 213 -12.73 14.65 -3.02
CA CYS A 213 -13.41 15.05 -4.24
C CYS A 213 -13.12 16.51 -4.58
N LYS A 214 -13.00 17.38 -3.58
CA LYS A 214 -12.67 18.77 -3.87
C LYS A 214 -11.25 18.88 -4.42
N PHE A 215 -10.32 18.13 -3.83
CA PHE A 215 -8.93 18.12 -4.30
C PHE A 215 -8.85 17.62 -5.73
N LEU A 216 -9.59 16.55 -6.05
CA LEU A 216 -9.57 16.01 -7.40
C LEU A 216 -10.53 16.73 -8.33
N ASN A 217 -11.32 17.67 -7.81
CA ASN A 217 -12.30 18.42 -8.59
C ASN A 217 -13.32 17.52 -9.28
N VAL A 218 -13.89 16.60 -8.51
CA VAL A 218 -14.97 15.72 -8.96
C VAL A 218 -16.14 15.85 -7.99
N GLU A 219 -17.31 15.43 -8.45
CA GLU A 219 -18.49 15.44 -7.60
C GLU A 219 -18.41 14.32 -6.56
N ILE A 220 -19.03 14.55 -5.41
CA ILE A 220 -19.08 13.52 -4.38
C ILE A 220 -20.01 12.41 -4.85
N PRO A 221 -19.59 11.14 -4.80
CA PRO A 221 -20.48 10.05 -5.21
C PRO A 221 -21.78 10.06 -4.43
N ASN A 222 -22.88 9.91 -5.17
CA ASN A 222 -24.21 10.11 -4.60
C ASN A 222 -24.61 8.95 -3.69
N GLY A 223 -24.87 9.27 -2.43
CA GLY A 223 -25.55 8.36 -1.53
C GLY A 223 -24.75 7.20 -1.00
N ILE A 224 -23.43 7.20 -1.20
CA ILE A 224 -22.60 6.09 -0.74
C ILE A 224 -21.54 6.59 0.22
N ASP A 225 -21.32 5.82 1.28
CA ASP A 225 -20.33 6.15 2.28
C ASP A 225 -18.94 6.04 1.65
N TYR A 226 -18.01 6.78 2.21
CA TYR A 226 -16.63 6.57 1.84
C TYR A 226 -16.22 5.15 2.24
N PRO A 227 -15.43 4.45 1.43
CA PRO A 227 -15.08 3.05 1.75
C PRO A 227 -14.44 2.91 3.12
N CYS A 228 -14.79 1.82 3.80
CA CYS A 228 -14.25 1.41 5.09
C CYS A 228 -13.96 -0.08 5.03
N VAL A 229 -12.81 -0.43 4.48
CA VAL A 229 -12.49 -1.82 4.20
C VAL A 229 -11.11 -2.12 4.76
N ASN A 230 -10.80 -3.43 4.84
CA ASN A 230 -9.45 -3.89 5.14
C ASN A 230 -9.08 -3.72 6.61
N SER A 231 -10.04 -3.82 7.52
CA SER A 231 -9.72 -3.66 8.93
C SER A 231 -8.89 -4.85 9.44
N HIS A 232 -8.14 -4.63 10.53
CA HIS A 232 -7.41 -5.75 11.10
C HIS A 232 -8.35 -6.84 11.60
N HIS A 233 -9.56 -6.46 12.03
N HIS A 233 -9.57 -6.47 11.98
CA HIS A 233 -10.52 -7.49 12.43
CA HIS A 233 -10.53 -7.47 12.40
C HIS A 233 -10.86 -8.40 11.26
C HIS A 233 -10.87 -8.40 11.25
N GLN A 234 -11.06 -7.81 10.07
CA GLN A 234 -11.36 -8.62 8.88
C GLN A 234 -10.14 -9.42 8.40
N MET A 235 -8.94 -8.84 8.47
CA MET A 235 -7.75 -9.61 8.09
C MET A 235 -7.47 -10.76 9.06
N THR A 236 -7.73 -10.56 10.35
CA THR A 236 -7.60 -11.66 11.30
C THR A 236 -8.58 -12.79 10.99
N GLN A 237 -9.84 -12.45 10.71
CA GLN A 237 -10.80 -13.46 10.26
C GLN A 237 -10.34 -14.17 9.00
N LEU A 238 -9.81 -13.41 8.02
CA LEU A 238 -9.35 -14.03 6.78
C LEU A 238 -8.23 -15.03 7.06
N THR A 239 -7.27 -14.63 7.87
CA THR A 239 -6.19 -15.54 8.24
C THR A 239 -6.73 -16.79 8.93
N GLU A 240 -7.64 -16.62 9.90
CA GLU A 240 -8.21 -17.77 10.60
C GLU A 240 -8.94 -18.71 9.63
N GLN A 241 -9.68 -18.16 8.67
CA GLN A 241 -10.43 -19.00 7.73
C GLN A 241 -9.50 -19.69 6.72
N LEU A 242 -8.43 -19.00 6.31
CA LEU A 242 -7.43 -19.62 5.44
C LEU A 242 -6.75 -20.78 6.15
N ILE A 243 -6.37 -20.60 7.40
CA ILE A 243 -5.69 -21.66 8.14
C ILE A 243 -6.62 -22.84 8.35
N LYS A 244 -7.90 -22.58 8.62
CA LYS A 244 -8.85 -23.64 8.90
C LYS A 244 -9.07 -24.53 7.69
N TYR A 245 -9.55 -23.95 6.58
CA TYR A 245 -9.98 -24.75 5.43
C TYR A 245 -8.91 -24.89 4.36
N LYS A 246 -7.84 -24.09 4.41
CA LYS A 246 -6.73 -24.19 3.47
C LYS A 246 -7.17 -24.02 2.02
N SER A 247 -8.16 -23.17 1.77
CA SER A 247 -8.64 -22.95 0.41
C SER A 247 -9.21 -21.53 0.31
N LEU A 248 -8.58 -20.68 -0.47
CA LEU A 248 -9.13 -19.33 -0.64
C LEU A 248 -10.43 -19.39 -1.42
N ASP A 249 -10.52 -20.25 -2.44
CA ASP A 249 -11.75 -20.40 -3.20
C ASP A 249 -12.92 -20.77 -2.30
N ALA A 250 -12.68 -21.62 -1.31
CA ALA A 250 -13.76 -22.07 -0.45
C ALA A 250 -14.31 -20.97 0.43
N ILE A 251 -13.51 -19.94 0.74
CA ILE A 251 -13.90 -18.95 1.73
C ILE A 251 -14.12 -17.56 1.15
N ILE A 252 -13.79 -17.33 -0.12
CA ILE A 252 -13.83 -15.98 -0.68
C ILE A 252 -15.22 -15.37 -0.56
N HIS A 253 -16.27 -16.20 -0.54
CA HIS A 253 -17.62 -15.65 -0.46
C HIS A 253 -17.84 -14.87 0.83
N MET A 254 -17.08 -15.18 1.88
CA MET A 254 -17.21 -14.46 3.15
C MET A 254 -16.45 -13.15 3.18
N PHE A 255 -15.70 -12.83 2.13
CA PHE A 255 -14.86 -11.64 2.08
C PHE A 255 -15.07 -10.95 0.74
N PRO A 256 -16.21 -10.29 0.55
CA PRO A 256 -16.53 -9.72 -0.78
C PRO A 256 -15.60 -8.63 -1.25
N ASP A 257 -14.85 -7.97 -0.36
CA ASP A 257 -13.92 -6.93 -0.78
C ASP A 257 -12.86 -7.51 -1.71
N LEU A 258 -12.35 -8.70 -1.39
CA LEU A 258 -11.29 -9.33 -2.17
C LEU A 258 -11.74 -9.61 -3.59
C1 UMI B . 1.42 -5.60 0.90
C10 UMI B . -2.16 -9.50 3.79
C11 UMI B . 2.28 -10.51 4.16
C12 UMI B . -1.99 -8.38 1.87
C14 UMI B . 1.67 -10.87 5.50
C15 UMI B . 0.24 -11.29 5.23
C16 UMI B . -1.40 -9.70 1.66
C17 UMI B . 1.22 -10.89 3.13
C18 UMI B . -1.98 -7.50 0.83
C19 UMI B . -1.48 -7.91 -0.38
C2 UMI B . 0.39 -5.23 1.77
C20 UMI B . -0.90 -9.16 -0.58
C21 UMI B . -0.85 -10.09 0.44
C22 UMI B . 3.55 -11.28 3.83
C23 UMI B . 4.65 -11.09 4.85
C24 UMI B . 5.68 -10.18 4.60
C25 UMI B . 6.70 -10.01 5.53
C26 UMI B . 6.71 -10.76 6.70
C27 UMI B . 5.69 -11.67 6.94
C28 UMI B . 4.68 -11.85 6.01
C29 UMI B . 5.68 -12.49 8.20
C3 UMI B . 0.10 -5.90 2.93
C30 UMI B . 2.52 -9.00 4.14
C4 UMI B . 0.83 -7.03 3.26
C5 UMI B . 1.87 -7.43 2.44
C6 UMI B . 2.16 -6.73 1.27
C7 UMI B . -0.42 -4.02 1.47
C8 UMI B . -1.08 -11.79 3.26
C9 UMI B . -1.54 -10.40 2.94
F30 UMI B . 6.44 -13.54 8.03
F31 UMI B . 6.16 -11.74 9.18
F32 UMI B . 4.45 -12.86 8.47
N11 UMI B . -2.42 -8.33 3.14
N12 UMI B . 2.59 -8.52 2.78
N16 UMI B . 0.27 -11.76 3.84
N8 UMI B . -0.98 -5.47 3.73
O10 UMI B . -1.09 -4.17 4.23
O11 UMI B . -1.99 -6.37 4.06
O9 UMI B . 0.39 -3.40 0.48
P1 A3P C . -7.21 -1.20 11.41
O1P A3P C . -6.17 -2.36 11.11
O2P A3P C . -6.80 -0.42 12.70
O3P A3P C . -8.59 -1.74 11.43
P2 A3P C . -4.86 -0.36 4.52
O4P A3P C . -4.10 -1.73 4.80
O5P A3P C . -3.86 0.75 4.02
O6P A3P C . -5.97 -0.58 3.56
O5' A3P C . -5.46 0.31 5.86
C5' A3P C . -6.43 -0.45 6.60
C4' A3P C . -6.66 0.28 7.91
O4' A3P C . -7.43 1.50 7.68
C3' A3P C . -7.48 -0.51 8.94
O3' A3P C . -7.05 -0.06 10.25
C2' A3P C . -8.90 -0.04 8.62
O2' A3P C . -9.83 -0.28 9.67
C1' A3P C . -8.63 1.44 8.42
N9 A3P C . -9.67 2.13 7.67
C8 A3P C . -9.89 2.02 6.32
N7 A3P C . -10.89 2.74 5.89
C5 A3P C . -11.36 3.37 7.02
C6 A3P C . -12.41 4.29 7.22
N6 A3P C . -13.21 4.74 6.24
N1 A3P C . -12.62 4.73 8.49
C2 A3P C . -11.83 4.28 9.47
N3 A3P C . -10.81 3.43 9.40
C4 A3P C . -10.62 3.00 8.13
#